data_9DUR
#
_entry.id   9DUR
#
_cell.length_a   1.00
_cell.length_b   1.00
_cell.length_c   1.00
_cell.angle_alpha   90.00
_cell.angle_beta   90.00
_cell.angle_gamma   90.00
#
_symmetry.space_group_name_H-M   'P 1'
#
loop_
_entity.id
_entity.type
_entity.pdbx_description
1 polymer 'Protein cereblon'
2 polymer 'Protein ENL'
3 non-polymer 'ZINC ION'
4 non-polymer 2-[3-[2-[4-[[(5~{S})-1,3-bis(oxidanylidene)-2,7-diazaspiro[4.4]nonan-7-yl]sulfonylamino]piperidin-1-yl]ethylcarbamoyl]phenyl]-~{N}-cyclobutyl-imidazo[1,2-a]pyridine-6-carboxamide
#
loop_
_entity_poly.entity_id
_entity_poly.type
_entity_poly.pdbx_seq_one_letter_code
_entity_poly.pdbx_strand_id
1 'polypeptide(L)'
;MDYKDDDDKSAVDENLYFQGGGRGGSAHIVMVDAYKPTKGGSGMAGEGDQQDAAHNMGNHLPLLPAESEEEDEMEVEDQD
SKEAKKPNIINFDTSLPTSHTYLGADMEEFHGRTLHDDDSCQVIPVLPQVMMILIPGQTLPLQLFHPQEVSMVRNLIQKD
RTFAVLAYSNVQEREAQFGTTAEIYAYREEQDFGIEIVKVKAIGRQRFKVLELRTQSDGIQQAKVQILPECVLPSTMSAV
QLESLNKCQIFPSKPVSREDQCSYKWWQKYQKRKFHCANLTSWPRWLYSLYDAETLMDRIKKQLREWDENLKDDSLPSNP
IDFSYRVAACLPIDDVLRIQLLKIGSAIQRLRCELDIMNKCTSLCCKQCQETEITTKNEIFSLSLCGPMAAYVNPHGYVH
ETLTVYKACNLNLIGRPSTEHSWFPGYAWTVAQCKICASHIGWKFTATKKDMSPQKFWGLTRSALLPTIPDTEDEISPDK
VILCL
;
B
2 'polypeptide(L)'
;MDNQCTVQVRLELGHRAQLRKKPTTEGFTHDWMVFVRGPEQCDIQHFVEKVVFWLHDSFPKPRRVCKEPPYKVEESGYAG
FIMPIEVHFKNKEEPRKVCFTYDLFLNLEGNPPVNHLRCEKLTFNNPTTEFRYKLLRAGGVMVMPEGAHHHHHH
;
C
#
loop_
_chem_comp.id
_chem_comp.type
_chem_comp.name
_chem_comp.formula
A1IQT non-polymer 2-[3-[2-[4-[[(5~{S})-1,3-bis(oxidanylidene)-2,7-diazaspiro[4.4]nonan-7-yl]sulfonylamino]piperidin-1-yl]ethylcarbamoyl]phenyl]-~{N}-cyclobutyl-imidazo[1,2-a]pyridine-6-carboxamide 'C33 H40 N8 O6 S'
ZN non-polymer 'ZINC ION' 'Zn 2'
#
# COMPACT_ATOMS: atom_id res chain seq x y z
N ASP A 93 -19.88 -5.96 11.68
CA ASP A 93 -18.72 -5.70 12.51
C ASP A 93 -17.62 -5.02 11.69
N THR A 94 -16.87 -4.12 12.34
CA THR A 94 -15.80 -3.39 11.68
C THR A 94 -14.41 -3.80 12.16
N SER A 95 -14.31 -4.63 13.20
CA SER A 95 -13.02 -5.06 13.71
C SER A 95 -12.45 -6.25 12.95
N LEU A 96 -13.31 -7.05 12.32
CA LEU A 96 -12.83 -8.25 11.64
C LEU A 96 -11.84 -7.93 10.52
N PRO A 97 -12.08 -6.96 9.65
CA PRO A 97 -11.16 -6.75 8.51
C PRO A 97 -9.73 -6.47 8.95
N THR A 98 -9.53 -5.78 10.07
CA THR A 98 -8.18 -5.48 10.53
C THR A 98 -7.48 -6.71 11.09
N SER A 99 -8.22 -7.75 11.45
CA SER A 99 -7.59 -8.95 12.01
C SER A 99 -6.81 -9.73 10.96
N HIS A 100 -7.10 -9.53 9.68
CA HIS A 100 -6.41 -10.25 8.61
C HIS A 100 -6.48 -11.76 8.84
N THR A 101 -7.66 -12.23 9.27
CA THR A 101 -7.83 -13.66 9.56
C THR A 101 -7.67 -14.52 8.31
N TYR A 102 -7.90 -13.97 7.13
CA TYR A 102 -7.78 -14.75 5.90
C TYR A 102 -6.38 -15.35 5.76
N LEU A 103 -5.36 -14.69 6.33
CA LEU A 103 -4.01 -15.23 6.28
C LEU A 103 -3.92 -16.53 7.06
N GLY A 104 -4.26 -16.48 8.34
CA GLY A 104 -4.19 -17.67 9.19
C GLY A 104 -4.85 -17.41 10.51
N ALA A 105 -4.94 -18.47 11.31
CA ALA A 105 -5.57 -18.39 12.62
C ALA A 105 -4.58 -18.00 13.72
N ASP A 106 -3.49 -18.74 13.84
CA ASP A 106 -2.48 -18.49 14.87
C ASP A 106 -1.17 -18.04 14.24
N MET A 107 -0.58 -17.00 14.80
CA MET A 107 0.71 -16.49 14.36
C MET A 107 1.42 -15.88 15.55
N GLU A 108 2.70 -16.20 15.72
CA GLU A 108 3.45 -15.66 16.85
C GLU A 108 3.44 -14.14 16.80
N GLU A 109 3.23 -13.53 17.96
CA GLU A 109 3.09 -12.08 18.08
C GLU A 109 4.22 -11.52 18.94
N PHE A 110 4.77 -10.40 18.51
CA PHE A 110 5.82 -9.68 19.23
C PHE A 110 5.30 -8.31 19.61
N HIS A 111 5.04 -8.10 20.89
CA HIS A 111 4.47 -6.85 21.38
C HIS A 111 5.52 -5.80 21.71
N GLY A 112 6.81 -6.12 21.55
CA GLY A 112 7.85 -5.15 21.83
C GLY A 112 7.90 -4.05 20.78
N ARG A 113 8.50 -2.93 21.16
CA ARG A 113 8.62 -1.75 20.31
C ARG A 113 10.09 -1.48 20.04
N THR A 114 10.45 -1.33 18.76
CA THR A 114 11.80 -1.01 18.34
C THR A 114 11.78 0.38 17.71
N LEU A 115 12.41 1.35 18.38
CA LEU A 115 12.45 2.73 17.92
C LEU A 115 13.90 3.14 17.69
N HIS A 116 14.10 4.04 16.73
CA HIS A 116 15.42 4.59 16.41
C HIS A 116 15.39 6.09 16.67
N ASP A 117 16.29 6.55 17.55
CA ASP A 117 16.37 7.97 17.86
C ASP A 117 16.58 8.78 16.59
N ASP A 118 16.29 10.08 16.69
CA ASP A 118 16.32 10.95 15.53
C ASP A 118 17.76 11.23 15.10
N ASP A 119 17.90 11.85 13.93
CA ASP A 119 19.18 12.20 13.30
C ASP A 119 20.24 11.17 13.66
N SER A 120 19.92 9.89 13.49
CA SER A 120 20.84 8.79 13.78
C SER A 120 20.94 7.90 12.55
N CYS A 121 22.18 7.58 12.17
CA CYS A 121 22.40 6.76 10.98
C CYS A 121 22.24 5.28 11.33
N GLN A 122 21.41 4.60 10.55
CA GLN A 122 21.15 3.18 10.73
C GLN A 122 21.45 2.44 9.43
N VAL A 123 21.58 1.11 9.54
CA VAL A 123 21.72 0.23 8.39
C VAL A 123 20.55 -0.72 8.44
N ILE A 124 19.65 -0.62 7.47
CA ILE A 124 18.40 -1.38 7.53
C ILE A 124 18.23 -2.23 6.27
N PRO A 125 17.73 -3.47 6.39
CA PRO A 125 17.41 -4.24 5.18
C PRO A 125 16.28 -3.60 4.38
N VAL A 126 16.25 -3.94 3.10
CA VAL A 126 15.24 -3.43 2.18
C VAL A 126 14.49 -4.62 1.60
N LEU A 127 13.16 -4.55 1.63
CA LEU A 127 12.33 -5.58 1.03
C LEU A 127 12.16 -5.29 -0.45
N PRO A 128 12.54 -6.21 -1.35
CA PRO A 128 12.49 -5.89 -2.78
C PRO A 128 11.09 -5.89 -3.38
N GLN A 129 10.13 -6.56 -2.76
CA GLN A 129 8.82 -6.75 -3.38
C GLN A 129 7.77 -5.79 -2.85
N VAL A 130 8.16 -4.79 -2.06
CA VAL A 130 7.21 -3.82 -1.52
C VAL A 130 7.54 -2.48 -2.13
N MET A 131 6.65 -2.00 -2.99
CA MET A 131 6.70 -0.65 -3.54
C MET A 131 5.75 0.30 -2.83
N MET A 132 4.99 -0.18 -1.85
CA MET A 132 3.98 0.64 -1.21
C MET A 132 4.62 1.75 -0.41
N ILE A 133 3.95 2.91 -0.39
CA ILE A 133 4.41 4.06 0.41
C ILE A 133 3.78 3.88 1.78
N LEU A 134 4.51 3.18 2.66
CA LEU A 134 3.99 2.87 3.98
C LEU A 134 3.98 4.13 4.84
N ILE A 135 2.82 4.43 5.43
CA ILE A 135 2.68 5.59 6.30
C ILE A 135 2.76 5.09 7.74
N PRO A 136 3.34 5.85 8.67
CA PRO A 136 3.39 5.38 10.06
C PRO A 136 2.00 5.04 10.58
N GLY A 137 1.91 3.90 11.27
CA GLY A 137 0.65 3.43 11.80
C GLY A 137 -0.18 2.59 10.85
N GLN A 138 0.22 2.47 9.60
CA GLN A 138 -0.50 1.67 8.63
C GLN A 138 0.00 0.23 8.65
N THR A 139 -0.94 -0.71 8.61
CA THR A 139 -0.61 -2.12 8.71
C THR A 139 -0.20 -2.67 7.34
N LEU A 140 0.91 -3.39 7.32
CA LEU A 140 1.42 -4.04 6.10
C LEU A 140 1.45 -5.54 6.31
N PRO A 141 0.52 -6.29 5.71
CA PRO A 141 0.64 -7.76 5.71
C PRO A 141 1.41 -8.25 4.50
N LEU A 142 2.22 -9.28 4.72
CA LEU A 142 3.07 -9.84 3.67
C LEU A 142 3.07 -11.36 3.75
N GLN A 143 3.28 -11.99 2.60
CA GLN A 143 3.42 -13.45 2.49
C GLN A 143 4.64 -13.71 1.63
N LEU A 144 5.81 -13.78 2.26
CA LEU A 144 7.07 -13.94 1.56
C LEU A 144 7.26 -15.38 1.14
N PHE A 145 7.66 -15.57 -0.13
CA PHE A 145 7.94 -16.89 -0.67
C PHE A 145 9.36 -17.05 -1.20
N HIS A 146 10.10 -15.96 -1.36
CA HIS A 146 11.42 -16.04 -1.96
C HIS A 146 12.38 -16.79 -1.03
N PRO A 147 13.29 -17.61 -1.56
CA PRO A 147 14.20 -18.34 -0.67
C PRO A 147 15.04 -17.43 0.21
N GLN A 148 15.47 -16.28 -0.31
CA GLN A 148 16.34 -15.39 0.44
C GLN A 148 15.56 -14.45 1.35
N GLU A 149 14.37 -14.02 0.93
CA GLU A 149 13.57 -13.17 1.80
C GLU A 149 13.11 -13.92 3.04
N VAL A 150 12.89 -15.23 2.93
CA VAL A 150 12.59 -16.03 4.10
C VAL A 150 13.74 -15.96 5.10
N SER A 151 14.97 -16.11 4.61
CA SER A 151 16.12 -16.02 5.49
C SER A 151 16.25 -14.63 6.11
N MET A 152 16.02 -13.59 5.31
CA MET A 152 16.16 -12.24 5.83
C MET A 152 15.12 -11.96 6.91
N VAL A 153 13.87 -12.39 6.69
CA VAL A 153 12.85 -12.19 7.71
C VAL A 153 13.13 -13.03 8.95
N ARG A 154 13.72 -14.22 8.77
CA ARG A 154 14.11 -15.01 9.92
C ARG A 154 15.18 -14.29 10.75
N ASN A 155 16.17 -13.71 10.07
CA ASN A 155 17.16 -12.92 10.78
C ASN A 155 16.52 -11.71 11.46
N LEU A 156 15.54 -11.09 10.81
CA LEU A 156 14.87 -9.94 11.40
C LEU A 156 14.13 -10.31 12.67
N ILE A 157 13.33 -11.38 12.63
CA ILE A 157 12.65 -11.84 13.83
C ILE A 157 13.66 -12.22 14.90
N GLN A 158 14.83 -12.73 14.49
CA GLN A 158 15.90 -12.96 15.46
C GLN A 158 16.37 -11.66 16.09
N LYS A 159 16.46 -10.59 15.30
CA LYS A 159 17.04 -9.34 15.77
C LYS A 159 16.27 -8.16 15.18
N ASP A 160 15.65 -7.37 16.05
CA ASP A 160 15.11 -6.02 15.83
C ASP A 160 13.81 -6.01 15.04
N ARG A 161 13.37 -7.14 14.45
CA ARG A 161 12.06 -7.26 13.83
C ARG A 161 11.67 -6.05 12.98
N THR A 162 12.62 -5.42 12.32
CA THR A 162 12.35 -4.20 11.56
C THR A 162 13.04 -4.27 10.21
N PHE A 163 12.35 -3.79 9.17
CA PHE A 163 12.93 -3.65 7.84
C PHE A 163 12.50 -2.31 7.29
N ALA A 164 12.80 -2.06 6.01
CA ALA A 164 12.54 -0.79 5.37
C ALA A 164 11.70 -0.99 4.12
N VAL A 165 10.91 0.02 3.78
CA VAL A 165 10.12 0.06 2.56
C VAL A 165 10.39 1.41 1.91
N LEU A 166 11.09 1.42 0.79
CA LEU A 166 11.46 2.66 0.14
C LEU A 166 10.27 3.26 -0.57
N ALA A 167 10.20 4.60 -0.57
CA ALA A 167 9.13 5.34 -1.24
C ALA A 167 9.43 5.43 -2.74
N TYR A 168 9.39 4.27 -3.38
CA TYR A 168 9.68 4.19 -4.81
C TYR A 168 8.67 5.02 -5.60
N ALA A 176 15.48 5.28 -4.11
CA ALA A 176 14.59 6.31 -3.61
C ALA A 176 15.31 7.16 -2.56
N GLN A 177 14.79 8.37 -2.32
CA GLN A 177 15.36 9.27 -1.34
C GLN A 177 14.66 9.21 0.01
N PHE A 178 13.43 8.70 0.06
CA PHE A 178 12.67 8.59 1.29
C PHE A 178 12.00 7.23 1.36
N GLY A 179 11.71 6.80 2.58
CA GLY A 179 11.03 5.54 2.83
C GLY A 179 10.56 5.49 4.25
N THR A 180 9.95 4.36 4.62
CA THR A 180 9.40 4.17 5.94
C THR A 180 9.84 2.83 6.50
N THR A 181 10.23 2.84 7.78
CA THR A 181 10.58 1.61 8.47
C THR A 181 9.31 0.87 8.90
N ALA A 182 9.35 -0.46 8.79
CA ALA A 182 8.24 -1.32 9.16
C ALA A 182 8.69 -2.29 10.24
N GLU A 183 7.95 -2.34 11.34
CA GLU A 183 8.26 -3.19 12.48
C GLU A 183 7.34 -4.41 12.44
N ILE A 184 7.94 -5.61 12.45
CA ILE A 184 7.16 -6.83 12.43
C ILE A 184 6.48 -7.03 13.77
N TYR A 185 5.20 -7.44 13.73
CA TYR A 185 4.45 -7.72 14.95
C TYR A 185 3.72 -9.05 14.95
N ALA A 186 3.50 -9.67 13.79
CA ALA A 186 2.92 -11.02 13.73
C ALA A 186 3.71 -11.85 12.73
N TYR A 187 3.87 -13.14 13.05
CA TYR A 187 4.77 -14.01 12.29
C TYR A 187 4.25 -15.44 12.32
N ARG A 188 4.41 -16.14 11.20
CA ARG A 188 4.04 -17.55 11.12
C ARG A 188 4.77 -18.16 9.93
N GLU A 189 5.18 -19.42 10.08
CA GLU A 189 5.81 -20.17 9.00
C GLU A 189 4.86 -21.24 8.48
N GLU A 190 5.04 -21.60 7.21
CA GLU A 190 4.23 -22.65 6.60
C GLU A 190 5.02 -23.23 5.44
N GLN A 191 4.58 -24.39 4.96
CA GLN A 191 5.17 -25.04 3.80
C GLN A 191 4.12 -24.97 2.71
N ASP A 192 4.24 -23.96 1.85
CA ASP A 192 3.25 -23.69 0.82
C ASP A 192 3.96 -23.50 -0.51
N PHE A 193 3.28 -23.92 -1.57
CA PHE A 193 3.83 -23.93 -2.93
C PHE A 193 5.09 -24.80 -3.02
N GLY A 194 5.34 -25.64 -2.01
CA GLY A 194 6.56 -26.39 -1.95
C GLY A 194 7.75 -25.62 -1.42
N ILE A 195 7.52 -24.50 -0.76
CA ILE A 195 8.57 -23.62 -0.27
C ILE A 195 8.26 -23.24 1.17
N GLU A 196 9.30 -22.86 1.89
CA GLU A 196 9.17 -22.30 3.24
C GLU A 196 8.60 -20.89 3.09
N ILE A 197 7.29 -20.77 3.22
CA ILE A 197 6.60 -19.50 3.07
C ILE A 197 6.42 -18.89 4.46
N VAL A 198 6.54 -17.57 4.53
CA VAL A 198 6.51 -16.85 5.80
C VAL A 198 5.43 -15.77 5.72
N LYS A 199 4.41 -15.89 6.56
CA LYS A 199 3.33 -14.92 6.61
C LYS A 199 3.57 -13.99 7.80
N VAL A 200 3.67 -12.69 7.54
CA VAL A 200 3.98 -11.71 8.57
C VAL A 200 3.05 -10.52 8.46
N LYS A 201 2.95 -9.79 9.57
CA LYS A 201 2.22 -8.53 9.63
C LYS A 201 3.07 -7.53 10.38
N ALA A 202 3.25 -6.35 9.81
CA ALA A 202 4.09 -5.30 10.37
C ALA A 202 3.33 -3.98 10.38
N ILE A 203 3.93 -2.99 11.04
CA ILE A 203 3.35 -1.65 11.17
C ILE A 203 4.40 -0.63 10.76
N GLY A 204 4.00 0.35 9.98
CA GLY A 204 4.87 1.48 9.68
C GLY A 204 5.17 2.27 10.93
N ARG A 205 6.45 2.57 11.19
CA ARG A 205 6.86 3.20 12.43
C ARG A 205 7.50 4.57 12.22
N GLN A 206 8.52 4.68 11.38
CA GLN A 206 9.30 5.89 11.26
C GLN A 206 9.54 6.24 9.80
N ARG A 207 9.57 7.54 9.52
CA ARG A 207 10.01 8.04 8.22
C ARG A 207 11.53 8.19 8.23
N PHE A 208 12.12 8.29 7.04
CA PHE A 208 13.56 8.45 6.94
C PHE A 208 13.92 8.98 5.56
N LYS A 209 15.17 9.44 5.46
CA LYS A 209 15.76 9.89 4.20
C LYS A 209 16.89 8.95 3.82
N VAL A 210 16.94 8.58 2.54
CA VAL A 210 17.92 7.60 2.08
C VAL A 210 19.24 8.30 1.82
N LEU A 211 20.31 7.76 2.41
CA LEU A 211 21.66 8.27 2.19
C LEU A 211 22.48 7.42 1.23
N GLU A 212 22.26 6.11 1.21
CA GLU A 212 23.03 5.22 0.36
C GLU A 212 22.31 3.87 0.30
N LEU A 213 22.42 3.21 -0.84
CA LEU A 213 21.85 1.87 -1.03
C LEU A 213 22.97 0.95 -1.49
N ARG A 214 23.40 0.03 -0.62
CA ARG A 214 24.49 -0.88 -0.92
C ARG A 214 23.97 -2.30 -0.92
N THR A 215 24.22 -3.03 -2.01
CA THR A 215 23.77 -4.41 -2.11
C THR A 215 24.59 -5.29 -1.16
N GLN A 216 24.29 -6.59 -1.17
CA GLN A 216 24.95 -7.54 -0.29
C GLN A 216 25.11 -8.87 -1.03
N SER A 217 26.03 -9.69 -0.52
CA SER A 217 26.28 -10.98 -1.14
C SER A 217 25.03 -11.86 -1.09
N ASP A 218 24.33 -11.87 0.05
CA ASP A 218 23.12 -12.65 0.17
C ASP A 218 21.96 -12.02 -0.60
N GLY A 219 22.06 -10.75 -0.96
CA GLY A 219 20.97 -10.04 -1.61
C GLY A 219 20.15 -9.17 -0.69
N ILE A 220 20.59 -8.97 0.55
CA ILE A 220 19.85 -8.15 1.51
C ILE A 220 20.36 -6.72 1.31
N GLN A 221 19.73 -6.00 0.40
CA GLN A 221 20.08 -4.62 0.15
C GLN A 221 20.01 -3.80 1.43
N GLN A 222 21.14 -3.26 1.86
CA GLN A 222 21.22 -2.48 3.07
C GLN A 222 21.14 -0.99 2.71
N ALA A 223 20.25 -0.28 3.38
CA ALA A 223 20.07 1.15 3.20
C ALA A 223 20.69 1.88 4.39
N LYS A 224 21.51 2.89 4.08
CA LYS A 224 22.01 3.83 5.07
C LYS A 224 20.91 4.87 5.33
N VAL A 225 20.32 4.82 6.52
CA VAL A 225 19.05 5.44 6.81
C VAL A 225 19.24 6.56 7.81
N GLN A 226 18.59 7.69 7.53
CA GLN A 226 18.55 8.83 8.45
C GLN A 226 17.12 8.99 8.94
N ILE A 227 16.93 8.88 10.26
CA ILE A 227 15.60 8.94 10.86
C ILE A 227 15.15 10.39 10.89
N LEU A 228 14.08 10.70 10.16
CA LEU A 228 13.57 12.06 10.13
C LEU A 228 12.82 12.36 11.43
N PRO A 229 12.82 13.62 11.87
CA PRO A 229 12.16 13.97 13.13
C PRO A 229 10.72 14.41 12.93
N GLU A 230 9.99 14.44 14.04
CA GLU A 230 8.64 14.99 14.10
C GLU A 230 8.72 16.35 14.77
N CYS A 231 8.57 17.42 13.99
CA CYS A 231 8.67 18.77 14.52
C CYS A 231 7.41 19.08 15.31
N VAL A 232 7.57 19.26 16.62
CA VAL A 232 6.46 19.57 17.52
C VAL A 232 6.60 21.03 17.93
N LEU A 233 5.61 21.83 17.58
CA LEU A 233 5.61 23.24 17.92
C LEU A 233 4.71 23.50 19.12
N PRO A 234 5.06 24.45 19.99
CA PRO A 234 4.15 24.82 21.08
C PRO A 234 2.91 25.52 20.55
N SER A 235 1.99 25.88 21.43
CA SER A 235 0.80 26.60 20.99
C SER A 235 1.21 27.92 20.35
N THR A 236 0.51 28.27 19.26
CA THR A 236 0.83 29.51 18.57
C THR A 236 0.68 30.73 19.47
N MET A 237 -0.07 30.61 20.56
CA MET A 237 -0.19 31.66 21.55
C MET A 237 0.87 31.57 22.63
N SER A 238 1.80 30.60 22.54
CA SER A 238 2.82 30.46 23.57
C SER A 238 3.69 31.71 23.67
N ALA A 239 4.11 32.26 22.53
CA ALA A 239 4.91 33.48 22.54
C ALA A 239 4.08 34.72 22.82
N VAL A 240 2.78 34.68 22.56
CA VAL A 240 1.88 35.82 22.81
C VAL A 240 0.89 35.35 23.86
N GLN A 241 1.21 35.57 25.13
CA GLN A 241 0.37 35.12 26.22
C GLN A 241 0.60 36.01 27.44
N LEU A 242 -0.43 36.16 28.25
CA LEU A 242 -0.37 36.89 29.51
C LEU A 242 -0.40 35.89 30.66
N GLU A 243 0.58 36.00 31.56
CA GLU A 243 0.64 35.08 32.69
C GLU A 243 -0.63 35.13 33.51
N SER A 244 -1.22 36.32 33.67
CA SER A 244 -2.45 36.44 34.44
C SER A 244 -3.57 35.60 33.85
N LEU A 245 -3.51 35.29 32.56
CA LEU A 245 -4.53 34.50 31.89
C LEU A 245 -4.14 33.03 31.76
N ASN A 246 -2.99 32.63 32.30
CA ASN A 246 -2.59 31.23 32.22
C ASN A 246 -3.63 30.31 32.85
N LYS A 247 -4.41 30.82 33.80
CA LYS A 247 -5.46 30.00 34.40
C LYS A 247 -6.53 29.64 33.38
N CYS A 248 -6.88 30.58 32.51
CA CYS A 248 -7.97 30.37 31.55
C CYS A 248 -7.46 29.75 30.24
N GLN A 249 -6.73 28.64 30.37
CA GLN A 249 -6.31 27.85 29.22
C GLN A 249 -6.85 26.44 29.21
N ILE A 250 -7.25 25.90 30.36
CA ILE A 250 -7.88 24.58 30.45
C ILE A 250 -9.37 24.80 30.63
N PHE A 251 -10.18 24.17 29.78
CA PHE A 251 -11.61 24.44 29.77
C PHE A 251 -12.39 23.34 30.48
N PRO A 252 -13.53 23.67 31.08
CA PRO A 252 -14.18 22.70 31.99
C PRO A 252 -14.49 21.35 31.36
N SER A 253 -14.93 21.31 30.11
CA SER A 253 -15.37 20.06 29.52
C SER A 253 -15.50 20.22 28.01
N LYS A 254 -15.72 19.10 27.34
CA LYS A 254 -15.92 19.06 25.89
C LYS A 254 -17.18 18.24 25.61
N PRO A 255 -18.35 18.79 25.98
CA PRO A 255 -19.62 18.08 25.82
C PRO A 255 -20.05 17.91 24.37
N ASP A 260 -25.51 23.33 19.62
CA ASP A 260 -25.06 23.86 20.90
C ASP A 260 -23.74 23.23 21.32
N GLN A 261 -23.81 22.18 22.13
CA GLN A 261 -22.60 21.48 22.55
C GLN A 261 -21.97 20.77 21.37
N CYS A 262 -20.64 20.76 21.33
CA CYS A 262 -19.90 20.25 20.18
C CYS A 262 -20.33 20.96 18.89
N SER A 263 -20.69 22.22 19.02
CA SER A 263 -21.21 23.01 17.90
C SER A 263 -20.80 24.46 18.12
N TYR A 264 -21.45 25.37 17.39
CA TYR A 264 -21.08 26.78 17.39
C TYR A 264 -20.76 27.29 18.79
N LYS A 265 -21.52 26.88 19.80
CA LYS A 265 -21.33 27.43 21.14
C LYS A 265 -19.93 27.14 21.66
N TRP A 266 -19.61 25.85 21.83
CA TRP A 266 -18.34 25.47 22.42
C TRP A 266 -17.16 25.98 21.61
N TRP A 267 -17.25 25.91 20.28
CA TRP A 267 -16.10 26.31 19.47
C TRP A 267 -15.93 27.82 19.44
N GLN A 268 -17.02 28.58 19.44
CA GLN A 268 -16.89 30.03 19.58
C GLN A 268 -16.25 30.39 20.91
N LYS A 269 -16.68 29.74 22.00
CA LYS A 269 -16.06 30.00 23.30
C LYS A 269 -14.59 29.60 23.29
N TYR A 270 -14.26 28.48 22.66
CA TYR A 270 -12.88 28.03 22.57
C TYR A 270 -12.02 29.05 21.83
N GLN A 271 -12.52 29.54 20.69
CA GLN A 271 -11.77 30.53 19.94
C GLN A 271 -11.60 31.81 20.74
N LYS A 272 -12.66 32.26 21.42
CA LYS A 272 -12.57 33.49 22.18
C LYS A 272 -11.59 33.37 23.34
N ARG A 273 -11.55 32.21 24.00
CA ARG A 273 -10.75 32.06 25.20
C ARG A 273 -9.30 31.74 24.88
N LYS A 274 -9.06 30.69 24.09
CA LYS A 274 -7.69 30.24 23.86
C LYS A 274 -6.91 31.17 22.93
N PHE A 275 -7.60 32.00 22.16
CA PHE A 275 -6.96 32.93 21.24
C PHE A 275 -7.37 34.36 21.55
N HIS A 276 -7.42 34.70 22.84
CA HIS A 276 -7.77 36.07 23.22
C HIS A 276 -6.62 37.03 22.97
N CYS A 277 -5.39 36.54 23.02
CA CYS A 277 -4.23 37.41 22.83
C CYS A 277 -3.99 37.80 21.39
N ALA A 278 -4.83 37.38 20.44
CA ALA A 278 -4.63 37.82 19.06
C ALA A 278 -4.69 39.34 18.96
N ASN A 279 -5.48 39.98 19.83
CA ASN A 279 -5.58 41.43 19.83
C ASN A 279 -4.26 42.07 20.25
N LEU A 280 -3.43 41.38 21.02
CA LEU A 280 -2.10 41.88 21.36
C LEU A 280 -1.17 41.92 20.15
N THR A 281 -1.55 41.29 19.05
CA THR A 281 -0.76 41.22 17.83
C THR A 281 -1.54 41.88 16.69
N SER A 282 -0.95 41.84 15.50
CA SER A 282 -1.55 42.43 14.32
C SER A 282 -2.51 41.49 13.61
N TRP A 283 -2.71 40.26 14.12
CA TRP A 283 -3.52 39.27 13.45
C TRP A 283 -4.79 38.99 14.26
N PRO A 284 -5.91 38.69 13.60
CA PRO A 284 -7.14 38.37 14.32
C PRO A 284 -7.10 36.96 14.90
N ARG A 285 -8.05 36.71 15.81
CA ARG A 285 -8.13 35.40 16.45
C ARG A 285 -8.41 34.30 15.42
N TRP A 286 -9.32 34.55 14.49
CA TRP A 286 -9.67 33.52 13.52
C TRP A 286 -8.50 33.14 12.63
N LEU A 287 -7.51 34.02 12.48
CA LEU A 287 -6.29 33.61 11.77
C LEU A 287 -5.53 32.57 12.56
N TYR A 288 -5.28 32.84 13.84
CA TYR A 288 -4.60 31.85 14.67
C TYR A 288 -5.39 30.56 14.75
N SER A 289 -6.71 30.64 14.60
CA SER A 289 -7.52 29.43 14.58
C SER A 289 -7.15 28.50 13.43
N LEU A 290 -6.55 29.04 12.36
CA LEU A 290 -6.18 28.23 11.21
C LEU A 290 -4.86 27.49 11.40
N TYR A 291 -4.07 27.85 12.43
CA TYR A 291 -2.82 27.17 12.72
C TYR A 291 -2.86 26.47 14.06
N ASP A 292 -4.04 26.13 14.55
CA ASP A 292 -4.21 25.43 15.81
C ASP A 292 -4.50 23.96 15.53
N ALA A 293 -3.82 23.07 16.27
CA ALA A 293 -4.00 21.64 16.05
C ALA A 293 -5.43 21.22 16.35
N GLU A 294 -6.01 21.73 17.44
CA GLU A 294 -7.33 21.26 17.87
C GLU A 294 -8.40 21.60 16.85
N THR A 295 -8.41 22.84 16.36
CA THR A 295 -9.44 23.24 15.41
C THR A 295 -9.32 22.47 14.10
N LEU A 296 -8.09 22.30 13.59
CA LEU A 296 -7.90 21.55 12.36
C LEU A 296 -8.32 20.10 12.55
N MET A 297 -7.99 19.51 13.70
CA MET A 297 -8.41 18.14 13.97
C MET A 297 -9.92 18.03 14.03
N ASP A 298 -10.59 19.03 14.62
CA ASP A 298 -12.05 19.01 14.68
C ASP A 298 -12.66 19.10 13.30
N ARG A 299 -12.12 19.97 12.43
CA ARG A 299 -12.64 20.07 11.08
C ARG A 299 -12.43 18.77 10.31
N ILE A 300 -11.25 18.15 10.47
CA ILE A 300 -10.99 16.88 9.81
C ILE A 300 -11.94 15.81 10.34
N LYS A 301 -12.23 15.84 11.64
CA LYS A 301 -13.18 14.91 12.22
C LYS A 301 -14.58 15.11 11.65
N LYS A 302 -14.96 16.37 11.45
CA LYS A 302 -16.24 16.66 10.81
C LYS A 302 -16.29 16.06 9.41
N GLN A 303 -15.21 16.21 8.65
CA GLN A 303 -15.17 15.61 7.31
C GLN A 303 -15.30 14.09 7.39
N LEU A 304 -14.55 13.47 8.31
CA LEU A 304 -14.62 12.02 8.45
C LEU A 304 -16.03 11.57 8.83
N ARG A 305 -16.67 12.28 9.76
CA ARG A 305 -18.03 11.94 10.15
C ARG A 305 -18.98 12.10 8.97
N GLU A 306 -18.77 13.13 8.14
CA GLU A 306 -19.52 13.23 6.91
C GLU A 306 -19.35 11.97 6.07
N TRP A 307 -18.12 11.47 5.97
CA TRP A 307 -17.91 10.20 5.29
C TRP A 307 -18.63 9.07 6.01
N ASP A 308 -18.39 8.92 7.31
CA ASP A 308 -18.95 7.84 8.10
C ASP A 308 -19.88 8.41 9.16
N GLU A 309 -21.18 8.19 9.00
CA GLU A 309 -22.14 8.60 10.02
C GLU A 309 -21.99 7.79 11.30
N ASN A 310 -21.40 6.60 11.22
CA ASN A 310 -21.19 5.75 12.39
C ASN A 310 -19.76 5.85 12.92
N LEU A 311 -19.17 7.04 12.83
CA LEU A 311 -17.80 7.27 13.29
C LEU A 311 -17.79 7.60 14.78
N LYS A 312 -16.90 6.95 15.52
CA LYS A 312 -16.76 7.18 16.94
C LYS A 312 -15.53 8.05 17.19
N ASP A 313 -15.66 8.99 18.13
CA ASP A 313 -14.54 9.87 18.44
C ASP A 313 -13.35 9.09 19.00
N ASP A 314 -13.63 8.06 19.80
CA ASP A 314 -12.54 7.28 20.39
C ASP A 314 -11.70 6.55 19.34
N SER A 315 -12.25 6.32 18.15
CA SER A 315 -11.52 5.60 17.12
C SER A 315 -10.39 6.43 16.51
N LEU A 316 -10.44 7.75 16.66
CA LEU A 316 -9.37 8.57 16.08
C LEU A 316 -8.37 8.97 17.14
N PRO A 317 -7.06 8.97 16.83
CA PRO A 317 -6.07 9.38 17.82
C PRO A 317 -6.28 10.83 18.26
N SER A 318 -6.01 11.09 19.53
CA SER A 318 -6.06 12.44 20.08
C SER A 318 -4.76 13.19 19.88
N ASN A 319 -3.69 12.51 19.47
CA ASN A 319 -2.42 13.17 19.22
C ASN A 319 -2.40 13.74 17.81
N PRO A 320 -2.05 15.02 17.63
CA PRO A 320 -2.05 15.58 16.27
C PRO A 320 -1.19 14.79 15.29
N ILE A 321 -0.04 14.27 15.73
CA ILE A 321 0.84 13.54 14.83
C ILE A 321 0.16 12.25 14.35
N ASP A 322 -0.34 11.45 15.30
CA ASP A 322 -0.99 10.20 14.92
C ASP A 322 -2.26 10.45 14.15
N PHE A 323 -3.04 11.47 14.56
CA PHE A 323 -4.25 11.81 13.83
C PHE A 323 -3.93 12.18 12.38
N SER A 324 -2.90 13.00 12.19
CA SER A 324 -2.52 13.41 10.84
C SER A 324 -2.07 12.21 10.01
N TYR A 325 -1.27 11.32 10.61
CA TYR A 325 -0.81 10.16 9.87
C TYR A 325 -1.98 9.25 9.49
N ARG A 326 -2.92 9.02 10.41
CA ARG A 326 -4.09 8.22 10.09
C ARG A 326 -4.90 8.87 8.97
N VAL A 327 -5.11 10.18 9.05
CA VAL A 327 -5.88 10.86 8.01
C VAL A 327 -5.21 10.68 6.67
N ALA A 328 -3.90 10.92 6.61
CA ALA A 328 -3.17 10.74 5.35
C ALA A 328 -3.28 9.32 4.84
N ALA A 329 -3.21 8.34 5.75
CA ALA A 329 -3.34 6.95 5.36
C ALA A 329 -4.73 6.64 4.79
N CYS A 330 -5.77 7.31 5.27
CA CYS A 330 -7.12 6.99 4.80
C CYS A 330 -7.58 7.86 3.65
N LEU A 331 -6.75 8.76 3.15
CA LEU A 331 -7.25 9.58 2.06
C LEU A 331 -7.07 8.87 0.71
N PRO A 332 -8.01 9.02 -0.22
CA PRO A 332 -7.86 8.50 -1.58
C PRO A 332 -7.03 9.48 -2.42
N ILE A 333 -5.71 9.36 -2.33
CA ILE A 333 -4.80 10.31 -2.95
C ILE A 333 -3.78 9.54 -3.77
N ASP A 334 -3.01 10.28 -4.59
CA ASP A 334 -2.01 9.68 -5.45
C ASP A 334 -0.67 9.52 -4.71
N ASP A 335 0.37 9.12 -5.43
CA ASP A 335 1.68 8.91 -4.80
C ASP A 335 2.42 10.22 -4.52
N VAL A 336 2.32 11.22 -5.42
CA VAL A 336 3.06 12.46 -5.22
C VAL A 336 2.61 13.17 -3.95
N LEU A 337 1.30 13.23 -3.72
CA LEU A 337 0.80 13.84 -2.51
C LEU A 337 1.20 13.03 -1.28
N ARG A 338 1.24 11.71 -1.39
CA ARG A 338 1.74 10.88 -0.29
C ARG A 338 3.17 11.28 0.06
N ILE A 339 4.02 11.44 -0.96
CA ILE A 339 5.40 11.81 -0.73
C ILE A 339 5.46 13.20 -0.08
N GLN A 340 4.65 14.13 -0.57
CA GLN A 340 4.63 15.48 0.00
C GLN A 340 4.22 15.44 1.47
N LEU A 341 3.21 14.65 1.80
CA LEU A 341 2.76 14.55 3.19
C LEU A 341 3.84 13.93 4.06
N LEU A 342 4.52 12.89 3.55
CA LEU A 342 5.59 12.27 4.34
C LEU A 342 6.73 13.26 4.57
N LYS A 343 7.07 14.05 3.55
CA LYS A 343 8.17 15.00 3.69
C LYS A 343 7.90 16.00 4.79
N ILE A 344 6.66 16.49 4.90
CA ILE A 344 6.33 17.49 5.90
C ILE A 344 6.56 16.91 7.29
N GLY A 345 7.35 17.63 8.09
CA GLY A 345 7.69 17.16 9.42
C GLY A 345 6.88 17.75 10.55
N SER A 346 6.03 18.74 10.24
CA SER A 346 5.22 19.41 11.26
C SER A 346 3.78 18.91 11.15
N ALA A 347 3.20 18.56 12.31
CA ALA A 347 1.85 18.03 12.33
C ALA A 347 0.84 19.05 11.80
N ILE A 348 1.01 20.33 12.17
CA ILE A 348 0.06 21.35 11.74
C ILE A 348 0.07 21.47 10.22
N GLN A 349 1.25 21.46 9.61
CA GLN A 349 1.33 21.57 8.16
C GLN A 349 0.66 20.37 7.50
N ARG A 350 0.87 19.17 8.03
CA ARG A 350 0.22 17.99 7.47
C ARG A 350 -1.29 18.10 7.59
N LEU A 351 -1.80 18.57 8.74
CA LEU A 351 -3.24 18.72 8.90
C LEU A 351 -3.80 19.72 7.91
N ARG A 352 -3.11 20.86 7.73
CA ARG A 352 -3.58 21.86 6.79
C ARG A 352 -3.59 21.32 5.36
N CYS A 353 -2.53 20.59 4.99
CA CYS A 353 -2.49 19.99 3.66
C CYS A 353 -3.61 18.99 3.48
N GLU A 354 -3.88 18.17 4.51
CA GLU A 354 -4.96 17.20 4.43
C GLU A 354 -6.31 17.89 4.26
N LEU A 355 -6.54 18.98 4.99
CA LEU A 355 -7.78 19.72 4.83
C LEU A 355 -7.90 20.27 3.41
N ASP A 356 -6.81 20.82 2.88
CA ASP A 356 -6.84 21.34 1.51
C ASP A 356 -7.18 20.23 0.51
N ILE A 357 -6.54 19.07 0.67
CA ILE A 357 -6.80 17.96 -0.24
C ILE A 357 -8.26 17.52 -0.15
N MET A 358 -8.76 17.38 1.09
CA MET A 358 -10.14 16.94 1.27
C MET A 358 -11.12 17.93 0.63
N ASN A 359 -10.85 19.23 0.79
CA ASN A 359 -11.70 20.22 0.13
C ASN A 359 -11.63 20.08 -1.38
N LYS A 360 -10.42 19.92 -1.93
CA LYS A 360 -10.25 19.92 -3.38
C LYS A 360 -10.72 18.62 -4.03
N CYS A 361 -10.40 17.47 -3.45
CA CYS A 361 -10.69 16.20 -4.11
C CYS A 361 -12.20 16.03 -4.29
N THR A 362 -12.59 15.55 -5.46
CA THR A 362 -14.00 15.37 -5.79
C THR A 362 -14.34 13.97 -6.28
N SER A 363 -13.47 13.33 -7.05
CA SER A 363 -13.80 12.03 -7.64
C SER A 363 -12.52 11.30 -8.02
N LEU A 364 -12.69 10.00 -8.29
CA LEU A 364 -11.59 9.13 -8.69
C LEU A 364 -11.93 8.51 -10.03
N CYS A 365 -10.95 8.50 -10.94
CA CYS A 365 -11.13 7.99 -12.30
C CYS A 365 -10.26 6.77 -12.52
N CYS A 366 -10.41 6.17 -13.70
CA CYS A 366 -9.65 4.97 -14.06
C CYS A 366 -8.24 5.37 -14.47
N LYS A 367 -7.24 4.86 -13.75
CA LYS A 367 -5.86 5.25 -14.03
C LYS A 367 -5.41 4.80 -15.40
N GLN A 368 -6.11 3.84 -16.02
CA GLN A 368 -5.79 3.43 -17.37
C GLN A 368 -6.52 4.27 -18.41
N CYS A 369 -7.85 4.34 -18.31
CA CYS A 369 -8.63 5.19 -19.20
C CYS A 369 -8.30 6.67 -19.01
N GLN A 370 -8.23 7.13 -17.76
CA GLN A 370 -7.91 8.51 -17.35
C GLN A 370 -9.11 9.45 -17.51
N GLU A 371 -10.23 9.00 -18.07
CA GLU A 371 -11.37 9.89 -18.25
C GLU A 371 -12.68 9.26 -17.79
N THR A 372 -12.64 8.09 -17.17
CA THR A 372 -13.82 7.40 -16.68
C THR A 372 -13.84 7.52 -15.16
N GLU A 373 -14.96 8.02 -14.63
CA GLU A 373 -15.12 8.17 -13.19
C GLU A 373 -15.68 6.88 -12.62
N ILE A 374 -15.13 6.44 -11.48
CA ILE A 374 -15.60 5.25 -10.80
C ILE A 374 -16.38 5.60 -9.55
N THR A 375 -15.90 6.55 -8.76
CA THR A 375 -16.54 6.87 -7.48
C THR A 375 -16.27 8.31 -7.12
N THR A 376 -17.05 8.80 -6.16
CA THR A 376 -16.95 10.16 -5.65
C THR A 376 -16.76 10.13 -4.14
N LYS A 377 -16.07 11.14 -3.63
CA LYS A 377 -15.63 11.11 -2.23
C LYS A 377 -16.80 11.02 -1.26
N ASN A 378 -17.99 11.50 -1.64
CA ASN A 378 -19.12 11.47 -0.71
C ASN A 378 -19.62 10.05 -0.47
N GLU A 379 -19.38 9.13 -1.41
CA GLU A 379 -19.85 7.76 -1.27
C GLU A 379 -18.89 6.90 -0.46
N ILE A 380 -17.73 7.43 -0.05
CA ILE A 380 -16.80 6.64 0.74
C ILE A 380 -17.41 6.32 2.09
N PHE A 381 -17.05 5.15 2.62
CA PHE A 381 -17.55 4.70 3.91
C PHE A 381 -16.50 3.77 4.52
N SER A 382 -16.54 3.65 5.84
CA SER A 382 -15.55 2.91 6.61
C SER A 382 -16.17 1.64 7.16
N LEU A 383 -15.67 0.48 6.71
CA LEU A 383 -16.02 -0.81 7.27
C LEU A 383 -14.95 -1.32 8.22
N SER A 384 -13.90 -0.54 8.46
CA SER A 384 -12.76 -1.00 9.24
C SER A 384 -12.32 0.11 10.20
N LEU A 385 -11.89 -0.29 11.40
CA LEU A 385 -11.36 0.68 12.34
C LEU A 385 -10.12 1.37 11.79
N CYS A 386 -9.34 0.66 10.95
CA CYS A 386 -8.17 1.27 10.35
C CYS A 386 -8.56 2.49 9.51
N GLY A 387 -9.67 2.39 8.78
CA GLY A 387 -10.16 3.49 7.99
C GLY A 387 -10.78 3.00 6.70
N PRO A 388 -11.26 3.93 5.88
CA PRO A 388 -11.85 3.54 4.59
C PRO A 388 -10.89 2.81 3.67
N MET A 389 -9.58 3.06 3.79
CA MET A 389 -8.58 2.42 2.95
C MET A 389 -7.63 1.62 3.81
N ALA A 390 -7.33 0.39 3.38
CA ALA A 390 -6.44 -0.49 4.12
C ALA A 390 -5.74 -1.43 3.15
N ALA A 391 -4.61 -1.97 3.57
CA ALA A 391 -3.79 -2.83 2.73
C ALA A 391 -4.09 -4.30 3.02
N TYR A 392 -4.21 -5.09 1.95
CA TYR A 392 -4.48 -6.52 2.06
C TYR A 392 -3.65 -7.28 1.04
N VAL A 393 -3.33 -8.52 1.36
CA VAL A 393 -2.54 -9.39 0.48
C VAL A 393 -3.49 -10.35 -0.24
N ASN A 394 -3.19 -10.60 -1.51
CA ASN A 394 -3.90 -11.60 -2.28
C ASN A 394 -3.36 -12.98 -1.93
N PRO A 395 -3.97 -14.05 -2.47
CA PRO A 395 -3.46 -15.39 -2.14
C PRO A 395 -2.00 -15.60 -2.53
N HIS A 396 -1.49 -14.85 -3.49
CA HIS A 396 -0.12 -15.03 -3.95
C HIS A 396 0.86 -14.11 -3.25
N GLY A 397 0.42 -13.34 -2.25
CA GLY A 397 1.29 -12.59 -1.38
C GLY A 397 1.46 -11.12 -1.71
N TYR A 398 0.94 -10.66 -2.84
CA TYR A 398 1.10 -9.27 -3.24
C TYR A 398 0.04 -8.39 -2.59
N VAL A 399 0.38 -7.12 -2.41
CA VAL A 399 -0.37 -6.20 -1.57
C VAL A 399 -1.12 -5.19 -2.42
N HIS A 400 -2.37 -4.95 -2.05
CA HIS A 400 -3.24 -3.96 -2.69
C HIS A 400 -3.85 -3.07 -1.61
N GLU A 401 -3.95 -1.79 -1.90
CA GLU A 401 -4.61 -0.83 -1.01
C GLU A 401 -6.06 -0.68 -1.45
N THR A 402 -6.98 -1.25 -0.68
CA THR A 402 -8.40 -1.28 -1.01
C THR A 402 -9.14 -0.20 -0.25
N LEU A 403 -10.01 0.51 -0.96
CA LEU A 403 -10.86 1.58 -0.43
C LEU A 403 -12.31 1.13 -0.56
N THR A 404 -13.06 1.26 0.53
CA THR A 404 -14.43 0.76 0.60
C THR A 404 -15.43 1.86 0.27
N VAL A 405 -16.41 1.54 -0.57
CA VAL A 405 -17.44 2.49 -0.98
C VAL A 405 -18.80 1.80 -1.04
N TYR A 406 -19.86 2.59 -0.84
CA TYR A 406 -21.22 2.08 -1.00
C TYR A 406 -21.54 1.77 -2.45
N LYS A 407 -21.11 2.64 -3.37
CA LYS A 407 -21.46 2.48 -4.78
C LYS A 407 -20.23 2.73 -5.63
N ALA A 408 -20.23 2.15 -6.83
CA ALA A 408 -19.17 2.33 -7.80
C ALA A 408 -19.80 2.54 -9.17
N CYS A 409 -19.06 3.24 -10.04
CA CYS A 409 -19.56 3.64 -11.34
C CYS A 409 -18.76 2.95 -12.44
N ASN A 410 -19.46 2.61 -13.53
CA ASN A 410 -18.83 2.01 -14.71
C ASN A 410 -18.01 0.77 -14.33
N LEU A 411 -18.61 -0.09 -13.51
CA LEU A 411 -17.96 -1.30 -13.05
C LEU A 411 -18.69 -2.53 -13.57
N ASN A 412 -17.93 -3.60 -13.79
CA ASN A 412 -18.45 -4.87 -14.26
C ASN A 412 -17.79 -5.98 -13.44
N LEU A 413 -18.53 -7.06 -13.23
CA LEU A 413 -18.09 -8.15 -12.37
C LEU A 413 -17.87 -9.42 -13.17
N ILE A 414 -16.95 -10.24 -12.70
CA ILE A 414 -16.67 -11.54 -13.31
C ILE A 414 -16.71 -12.60 -12.21
N GLY A 415 -17.32 -13.73 -12.52
CA GLY A 415 -17.36 -14.84 -11.60
C GLY A 415 -18.53 -14.77 -10.64
N ARG A 416 -18.49 -15.67 -9.66
CA ARG A 416 -19.53 -15.84 -8.67
C ARG A 416 -18.94 -15.61 -7.28
N PRO A 417 -19.61 -14.87 -6.40
CA PRO A 417 -18.98 -14.53 -5.11
C PRO A 417 -18.54 -15.76 -4.34
N SER A 418 -17.34 -15.68 -3.77
CA SER A 418 -16.73 -16.77 -3.03
C SER A 418 -16.14 -16.22 -1.75
N THR A 419 -15.99 -17.10 -0.76
CA THR A 419 -15.42 -16.74 0.54
C THR A 419 -14.12 -17.48 0.81
N GLU A 420 -13.42 -17.94 -0.23
CA GLU A 420 -12.20 -18.71 -0.04
C GLU A 420 -11.15 -17.87 0.70
N HIS A 421 -10.93 -16.64 0.26
CA HIS A 421 -9.89 -15.79 0.81
C HIS A 421 -10.39 -14.36 0.99
N SER A 422 -11.67 -14.20 1.35
CA SER A 422 -12.26 -12.89 1.50
C SER A 422 -11.55 -12.09 2.58
N TRP A 423 -11.23 -10.83 2.28
CA TRP A 423 -10.61 -9.95 3.27
C TRP A 423 -11.61 -9.51 4.33
N PHE A 424 -12.90 -9.56 4.05
CA PHE A 424 -13.94 -9.16 4.99
C PHE A 424 -14.76 -10.38 5.38
N PRO A 425 -14.55 -10.95 6.57
CA PRO A 425 -15.31 -12.17 6.93
C PRO A 425 -16.80 -11.92 6.89
N GLY A 426 -17.54 -12.95 6.47
CA GLY A 426 -18.97 -12.83 6.28
C GLY A 426 -19.37 -12.29 4.93
N TYR A 427 -18.42 -11.89 4.09
CA TYR A 427 -18.69 -11.34 2.78
C TYR A 427 -17.96 -12.16 1.72
N ALA A 428 -18.58 -12.27 0.54
CA ALA A 428 -18.02 -12.98 -0.59
C ALA A 428 -17.67 -11.99 -1.69
N TRP A 429 -16.51 -12.19 -2.33
CA TRP A 429 -15.95 -11.23 -3.26
C TRP A 429 -16.14 -11.70 -4.70
N THR A 430 -16.36 -10.73 -5.59
CA THR A 430 -16.37 -10.96 -7.03
C THR A 430 -15.44 -9.96 -7.69
N VAL A 431 -14.53 -10.44 -8.53
CA VAL A 431 -13.57 -9.56 -9.17
C VAL A 431 -14.31 -8.54 -10.02
N ALA A 432 -13.85 -7.28 -9.93
CA ALA A 432 -14.52 -6.17 -10.60
C ALA A 432 -13.51 -5.34 -11.39
N GLN A 433 -14.00 -4.77 -12.49
CA GLN A 433 -13.14 -4.02 -13.39
C GLN A 433 -13.92 -2.92 -14.08
N CYS A 434 -13.20 -1.90 -14.53
CA CYS A 434 -13.82 -0.83 -15.29
C CYS A 434 -14.31 -1.37 -16.63
N LYS A 435 -15.61 -1.23 -16.89
CA LYS A 435 -16.19 -1.85 -18.08
C LYS A 435 -15.60 -1.28 -19.36
N ILE A 436 -15.14 -0.02 -19.33
CA ILE A 436 -14.60 0.60 -20.54
C ILE A 436 -13.36 -0.16 -21.01
N CYS A 437 -12.45 -0.48 -20.08
CA CYS A 437 -11.18 -1.10 -20.40
C CYS A 437 -10.96 -2.45 -19.75
N ALA A 438 -11.79 -2.84 -18.77
CA ALA A 438 -11.71 -4.12 -18.09
C ALA A 438 -10.55 -4.19 -17.10
N SER A 439 -9.83 -3.09 -16.88
CA SER A 439 -8.76 -3.08 -15.90
C SER A 439 -9.29 -3.47 -14.52
N HIS A 440 -8.49 -4.21 -13.77
CA HIS A 440 -8.90 -4.71 -12.46
C HIS A 440 -9.00 -3.53 -11.50
N ILE A 441 -10.23 -3.10 -11.22
CA ILE A 441 -10.41 -2.00 -10.29
C ILE A 441 -10.64 -2.49 -8.87
N GLY A 442 -11.21 -3.67 -8.69
CA GLY A 442 -11.49 -4.14 -7.34
C GLY A 442 -12.51 -5.26 -7.36
N TRP A 443 -13.31 -5.30 -6.29
CA TRP A 443 -14.28 -6.37 -6.09
C TRP A 443 -15.57 -5.79 -5.51
N LYS A 444 -16.65 -6.57 -5.64
CA LYS A 444 -17.91 -6.29 -4.97
C LYS A 444 -18.13 -7.34 -3.89
N PHE A 445 -18.35 -6.88 -2.66
CA PHE A 445 -18.61 -7.77 -1.54
C PHE A 445 -20.10 -7.81 -1.24
N THR A 446 -20.65 -9.03 -1.16
CA THR A 446 -22.05 -9.26 -0.90
C THR A 446 -22.22 -10.09 0.37
N ALA A 447 -23.32 -9.85 1.08
CA ALA A 447 -23.54 -10.49 2.37
C ALA A 447 -23.85 -11.98 2.20
N THR A 448 -23.16 -12.81 2.98
CA THR A 448 -23.49 -14.24 3.04
C THR A 448 -24.82 -14.47 3.75
N LYS A 449 -25.01 -13.81 4.90
CA LYS A 449 -26.26 -13.86 5.63
C LYS A 449 -27.25 -12.86 5.03
N LYS A 450 -28.47 -12.84 5.56
CA LYS A 450 -29.48 -11.92 5.08
C LYS A 450 -29.76 -10.78 6.05
N ASP A 451 -29.59 -11.01 7.35
CA ASP A 451 -29.77 -9.97 8.37
C ASP A 451 -28.46 -9.27 8.72
N MET A 452 -27.74 -8.80 7.71
CA MET A 452 -26.45 -8.15 7.91
C MET A 452 -26.44 -6.78 7.24
N SER A 453 -25.83 -5.81 7.91
CA SER A 453 -25.78 -4.43 7.45
C SER A 453 -24.34 -4.05 7.13
N PRO A 454 -24.01 -3.59 5.91
CA PRO A 454 -24.86 -3.46 4.71
C PRO A 454 -25.00 -4.77 3.95
N GLN A 455 -25.88 -4.81 2.95
CA GLN A 455 -26.06 -6.00 2.12
C GLN A 455 -25.11 -6.04 0.92
N LYS A 456 -24.30 -5.01 0.72
CA LYS A 456 -23.38 -4.99 -0.40
C LYS A 456 -22.49 -3.77 -0.27
N PHE A 457 -21.31 -3.87 -0.87
CA PHE A 457 -20.42 -2.71 -0.99
C PHE A 457 -19.32 -3.07 -1.99
N TRP A 458 -18.41 -2.13 -2.23
CA TRP A 458 -17.36 -2.31 -3.20
C TRP A 458 -16.02 -1.95 -2.58
N GLY A 459 -14.97 -2.63 -3.02
CA GLY A 459 -13.62 -2.32 -2.60
C GLY A 459 -12.71 -2.15 -3.80
N LEU A 460 -12.13 -0.96 -3.95
CA LEU A 460 -11.34 -0.61 -5.13
C LEU A 460 -9.88 -0.43 -4.73
N THR A 461 -8.98 -1.04 -5.51
CA THR A 461 -7.56 -0.92 -5.23
C THR A 461 -7.06 0.46 -5.63
N ARG A 462 -6.34 1.11 -4.72
CA ARG A 462 -5.81 2.44 -5.01
C ARG A 462 -4.81 2.43 -6.15
N SER A 463 -4.16 1.29 -6.40
CA SER A 463 -3.17 1.23 -7.47
C SER A 463 -3.77 1.42 -8.85
N ALA A 464 -5.10 1.32 -8.98
CA ALA A 464 -5.77 1.49 -10.27
C ALA A 464 -6.74 2.68 -10.27
N LEU A 465 -6.56 3.61 -9.34
CA LEU A 465 -7.45 4.76 -9.19
C LEU A 465 -6.62 6.04 -9.29
N LEU A 466 -7.09 6.98 -10.10
CA LEU A 466 -6.43 8.27 -10.30
C LEU A 466 -7.32 9.37 -9.74
N PRO A 467 -6.96 10.02 -8.63
CA PRO A 467 -7.78 11.13 -8.14
C PRO A 467 -7.82 12.27 -9.15
N THR A 468 -8.96 12.97 -9.19
CA THR A 468 -9.11 14.12 -10.05
C THR A 468 -9.70 15.29 -9.26
N ILE A 469 -9.36 16.49 -9.68
CA ILE A 469 -9.81 17.70 -8.99
C ILE A 469 -10.78 18.46 -9.89
N THR B 6 29.87 -2.90 -24.23
CA THR B 6 28.88 -3.96 -24.16
C THR B 6 28.23 -4.01 -22.78
N VAL B 7 26.97 -4.41 -22.73
CA VAL B 7 26.21 -4.49 -21.49
C VAL B 7 25.59 -5.88 -21.39
N GLN B 8 25.67 -6.48 -20.20
CA GLN B 8 25.27 -7.85 -19.95
C GLN B 8 24.43 -7.87 -18.69
N VAL B 9 23.14 -8.17 -18.83
CA VAL B 9 22.19 -8.02 -17.74
C VAL B 9 21.49 -9.36 -17.52
N ARG B 10 21.24 -9.67 -16.26
CA ARG B 10 20.59 -10.91 -15.88
C ARG B 10 19.07 -10.73 -15.90
N LEU B 11 18.36 -11.84 -15.99
CA LEU B 11 16.91 -11.86 -15.86
C LEU B 11 16.51 -13.17 -15.21
N GLU B 12 15.36 -13.13 -14.52
CA GLU B 12 14.84 -14.27 -13.79
C GLU B 12 13.35 -14.35 -14.05
N LEU B 13 12.92 -15.47 -14.63
CA LEU B 13 11.50 -15.76 -14.81
C LEU B 13 11.08 -16.83 -13.82
N GLY B 14 9.78 -16.88 -13.51
CA GLY B 14 9.38 -17.95 -12.62
C GLY B 14 7.87 -18.13 -12.59
N HIS B 15 7.47 -19.22 -11.96
CA HIS B 15 6.05 -19.53 -11.80
C HIS B 15 5.85 -20.44 -10.60
N ARG B 16 4.63 -20.43 -10.11
CA ARG B 16 4.21 -21.32 -9.02
C ARG B 16 2.84 -21.87 -9.35
N ALA B 17 2.55 -23.07 -8.85
CA ALA B 17 1.28 -23.72 -9.11
C ALA B 17 0.92 -24.62 -7.95
N GLN B 18 -0.35 -24.57 -7.53
CA GLN B 18 -0.82 -25.30 -6.35
C GLN B 18 -2.20 -25.88 -6.62
N LEU B 19 -2.39 -27.14 -6.23
CA LEU B 19 -3.69 -27.79 -6.34
C LEU B 19 -4.76 -27.03 -5.56
N ARG B 20 -5.92 -26.85 -6.18
CA ARG B 20 -7.04 -26.18 -5.52
C ARG B 20 -7.71 -27.14 -4.54
N LYS B 21 -7.77 -26.74 -3.26
CA LYS B 21 -8.43 -27.58 -2.27
C LYS B 21 -9.93 -27.66 -2.51
N LYS B 22 -10.51 -26.64 -3.15
CA LYS B 22 -11.94 -26.61 -3.48
C LYS B 22 -12.07 -26.41 -4.98
N PRO B 23 -12.18 -27.48 -5.77
CA PRO B 23 -12.35 -27.32 -7.20
C PRO B 23 -13.58 -26.48 -7.52
N THR B 24 -13.45 -25.61 -8.53
CA THR B 24 -14.49 -24.68 -8.88
C THR B 24 -15.49 -25.32 -9.84
N THR B 25 -16.64 -24.66 -10.01
CA THR B 25 -17.66 -25.17 -10.91
C THR B 25 -17.15 -25.27 -12.35
N GLU B 26 -16.27 -24.34 -12.75
CA GLU B 26 -15.74 -24.37 -14.11
C GLU B 26 -14.93 -25.62 -14.39
N GLY B 27 -14.46 -26.31 -13.35
CA GLY B 27 -13.62 -27.47 -13.51
C GLY B 27 -12.15 -27.24 -13.28
N PHE B 28 -11.76 -26.06 -12.82
CA PHE B 28 -10.36 -25.77 -12.57
C PHE B 28 -9.90 -26.43 -11.28
N THR B 29 -8.69 -26.97 -11.30
CA THR B 29 -8.14 -27.72 -10.17
C THR B 29 -6.85 -27.15 -9.61
N HIS B 30 -6.20 -26.20 -10.30
CA HIS B 30 -4.97 -25.61 -9.83
C HIS B 30 -5.05 -24.09 -9.96
N ASP B 31 -4.29 -23.41 -9.09
CA ASP B 31 -4.06 -21.98 -9.18
C ASP B 31 -2.58 -21.76 -9.49
N TRP B 32 -2.31 -20.99 -10.54
CA TRP B 32 -0.95 -20.79 -11.02
C TRP B 32 -0.67 -19.31 -11.23
N MET B 33 0.56 -18.90 -10.94
CA MET B 33 0.98 -17.53 -11.13
C MET B 33 2.35 -17.51 -11.78
N VAL B 34 2.46 -16.78 -12.89
CA VAL B 34 3.74 -16.56 -13.57
C VAL B 34 4.19 -15.13 -13.33
N PHE B 35 5.47 -14.94 -12.99
CA PHE B 35 5.98 -13.61 -12.69
C PHE B 35 7.35 -13.42 -13.30
N VAL B 36 7.57 -12.20 -13.80
CA VAL B 36 8.88 -11.76 -14.27
C VAL B 36 9.34 -10.66 -13.34
N ARG B 37 10.48 -10.86 -12.68
CA ARG B 37 11.02 -9.89 -11.73
C ARG B 37 12.45 -9.46 -12.00
N GLY B 38 13.18 -10.16 -12.86
CA GLY B 38 14.56 -9.85 -13.10
C GLY B 38 15.46 -10.36 -11.99
N PRO B 39 16.71 -9.91 -11.97
CA PRO B 39 17.66 -10.41 -10.96
C PRO B 39 17.35 -9.95 -9.55
N GLU B 40 18.22 -10.33 -8.62
CA GLU B 40 18.04 -9.98 -7.21
C GLU B 40 18.19 -8.47 -7.01
N GLN B 41 17.15 -7.85 -6.45
CA GLN B 41 17.18 -6.45 -6.04
C GLN B 41 17.64 -5.56 -7.19
N CYS B 42 16.78 -5.48 -8.20
CA CYS B 42 16.97 -4.51 -9.27
C CYS B 42 15.61 -4.08 -9.78
N ASP B 43 15.39 -2.77 -9.80
CA ASP B 43 14.16 -2.20 -10.34
C ASP B 43 14.21 -2.27 -11.85
N ILE B 44 13.63 -3.33 -12.43
CA ILE B 44 13.73 -3.55 -13.87
C ILE B 44 13.10 -2.39 -14.62
N GLN B 45 12.09 -1.74 -14.03
CA GLN B 45 11.39 -0.64 -14.70
C GLN B 45 12.35 0.41 -15.26
N HIS B 46 13.57 0.47 -14.74
CA HIS B 46 14.55 1.42 -15.27
C HIS B 46 14.79 1.20 -16.76
N PHE B 47 14.79 -0.06 -17.21
CA PHE B 47 15.05 -0.37 -18.61
C PHE B 47 13.96 -1.17 -19.30
N VAL B 48 12.98 -1.71 -18.56
CA VAL B 48 11.84 -2.39 -19.17
C VAL B 48 10.67 -1.42 -19.16
N GLU B 49 10.10 -1.16 -20.34
CA GLU B 49 8.95 -0.27 -20.41
C GLU B 49 7.67 -0.98 -19.96
N LYS B 50 7.54 -2.26 -20.26
CA LYS B 50 6.36 -3.07 -19.97
C LYS B 50 6.68 -4.53 -20.23
N VAL B 51 5.77 -5.41 -19.81
CA VAL B 51 5.88 -6.85 -20.03
C VAL B 51 4.56 -7.37 -20.57
N VAL B 52 4.66 -8.31 -21.52
CA VAL B 52 3.51 -8.95 -22.15
C VAL B 52 3.49 -10.43 -21.82
N PHE B 53 2.35 -10.90 -21.32
CA PHE B 53 2.13 -12.30 -20.98
C PHE B 53 1.11 -12.91 -21.94
N TRP B 54 1.50 -13.99 -22.61
CA TRP B 54 0.61 -14.74 -23.50
C TRP B 54 0.10 -15.97 -22.77
N LEU B 55 -1.23 -16.09 -22.67
CA LEU B 55 -1.88 -17.22 -22.03
C LEU B 55 -2.60 -18.07 -23.07
N HIS B 56 -2.90 -19.31 -22.70
CA HIS B 56 -3.65 -20.19 -23.59
C HIS B 56 -4.98 -19.55 -23.97
N ASP B 57 -5.35 -19.67 -25.24
CA ASP B 57 -6.58 -19.05 -25.72
C ASP B 57 -7.80 -19.56 -24.96
N SER B 58 -7.71 -20.74 -24.34
CA SER B 58 -8.81 -21.21 -23.50
C SER B 58 -9.10 -20.22 -22.37
N PHE B 59 -8.08 -19.55 -21.86
CA PHE B 59 -8.29 -18.51 -20.87
C PHE B 59 -8.95 -17.30 -21.51
N PRO B 60 -9.76 -16.56 -20.77
CA PRO B 60 -10.27 -15.28 -21.28
C PRO B 60 -9.16 -14.23 -21.30
N LYS B 61 -9.28 -13.31 -22.26
CA LYS B 61 -8.29 -12.26 -22.43
C LYS B 61 -6.91 -12.89 -22.55
N PRO B 62 -6.62 -13.55 -23.67
CA PRO B 62 -5.36 -14.31 -23.78
C PRO B 62 -4.12 -13.47 -23.58
N ARG B 63 -4.16 -12.18 -23.92
CA ARG B 63 -3.01 -11.29 -23.87
C ARG B 63 -3.14 -10.37 -22.66
N ARG B 64 -2.25 -10.51 -21.69
CA ARG B 64 -2.18 -9.62 -20.54
C ARG B 64 -0.96 -8.70 -20.67
N VAL B 65 -1.10 -7.48 -20.18
CA VAL B 65 -0.04 -6.46 -20.24
C VAL B 65 0.15 -5.89 -18.85
N CYS B 66 1.41 -5.81 -18.41
CA CYS B 66 1.75 -5.17 -17.14
C CYS B 66 2.76 -4.08 -17.42
N LYS B 67 2.38 -2.83 -17.14
CA LYS B 67 3.20 -1.68 -17.51
C LYS B 67 4.12 -1.23 -16.38
N GLU B 68 3.85 -1.65 -15.15
CA GLU B 68 4.71 -1.35 -14.02
C GLU B 68 4.91 -2.62 -13.21
N PRO B 69 6.03 -2.73 -12.47
CA PRO B 69 6.25 -3.93 -11.67
C PRO B 69 5.31 -3.96 -10.48
N PRO B 70 5.00 -5.15 -9.95
CA PRO B 70 5.44 -6.47 -10.42
C PRO B 70 4.72 -6.89 -11.70
N TYR B 71 5.39 -7.67 -12.55
CA TYR B 71 4.84 -8.19 -13.79
C TYR B 71 4.40 -9.63 -13.57
N LYS B 72 3.09 -9.90 -13.68
CA LYS B 72 2.58 -11.19 -13.25
C LYS B 72 1.28 -11.51 -13.97
N VAL B 73 0.91 -12.79 -13.89
CA VAL B 73 -0.40 -13.28 -14.29
C VAL B 73 -0.81 -14.36 -13.31
N GLU B 74 -1.70 -14.00 -12.39
CA GLU B 74 -2.36 -14.92 -11.48
C GLU B 74 -3.62 -15.46 -12.14
N GLU B 75 -3.76 -16.77 -12.21
CA GLU B 75 -4.91 -17.38 -12.89
C GLU B 75 -5.17 -18.74 -12.27
N SER B 76 -6.25 -19.37 -12.74
CA SER B 76 -6.60 -20.73 -12.33
C SER B 76 -6.88 -21.55 -13.59
N GLY B 77 -6.64 -22.85 -13.48
CA GLY B 77 -6.82 -23.71 -14.63
C GLY B 77 -6.77 -25.17 -14.25
N TYR B 78 -6.74 -26.01 -15.28
CA TYR B 78 -6.70 -27.46 -15.11
C TYR B 78 -5.54 -28.13 -15.81
N ALA B 79 -4.85 -27.44 -16.72
CA ALA B 79 -3.73 -28.03 -17.45
C ALA B 79 -2.69 -26.97 -17.74
N GLY B 80 -1.46 -27.42 -17.95
CA GLY B 80 -0.37 -26.53 -18.31
C GLY B 80 -0.19 -26.39 -19.80
N PHE B 81 0.80 -25.60 -20.18
CA PHE B 81 1.08 -25.35 -21.59
C PHE B 81 2.44 -24.66 -21.71
N ILE B 82 2.73 -24.18 -22.91
CA ILE B 82 3.91 -23.37 -23.20
C ILE B 82 3.45 -21.93 -23.32
N MET B 83 4.00 -21.06 -22.47
CA MET B 83 3.53 -19.69 -22.33
C MET B 83 4.56 -18.73 -22.91
N PRO B 84 4.25 -18.04 -24.01
CA PRO B 84 5.17 -17.00 -24.49
C PRO B 84 5.17 -15.78 -23.57
N ILE B 85 6.34 -15.17 -23.41
CA ILE B 85 6.50 -13.94 -22.66
C ILE B 85 7.35 -12.97 -23.47
N GLU B 86 6.94 -11.70 -23.51
CA GLU B 86 7.71 -10.66 -24.15
C GLU B 86 8.09 -9.60 -23.13
N VAL B 87 9.39 -9.29 -23.06
CA VAL B 87 9.90 -8.20 -22.24
C VAL B 87 10.43 -7.13 -23.17
N HIS B 88 9.79 -5.95 -23.16
CA HIS B 88 10.14 -4.85 -24.03
C HIS B 88 10.92 -3.80 -23.25
N PHE B 89 12.06 -3.39 -23.78
CA PHE B 89 12.93 -2.44 -23.11
C PHE B 89 12.78 -1.05 -23.71
N LYS B 90 13.38 -0.07 -23.04
CA LYS B 90 13.50 1.28 -23.56
C LYS B 90 14.66 1.43 -24.53
N ASN B 91 15.19 0.30 -25.03
CA ASN B 91 16.35 0.34 -25.90
C ASN B 91 16.03 1.10 -27.18
N LYS B 92 17.00 1.89 -27.64
CA LYS B 92 16.87 2.67 -28.85
C LYS B 92 17.24 1.89 -30.10
N GLU B 93 17.79 0.69 -29.94
CA GLU B 93 18.16 -0.16 -31.06
C GLU B 93 18.16 -1.60 -30.59
N GLU B 94 18.18 -2.53 -31.56
CA GLU B 94 18.05 -3.93 -31.22
C GLU B 94 19.18 -4.35 -30.28
N PRO B 95 18.89 -5.15 -29.24
CA PRO B 95 17.58 -5.72 -28.88
C PRO B 95 16.62 -4.69 -28.28
N ARG B 96 15.47 -4.48 -28.94
CA ARG B 96 14.40 -3.65 -28.39
C ARG B 96 13.39 -4.48 -27.62
N LYS B 97 13.34 -5.79 -27.85
CA LYS B 97 12.39 -6.67 -27.21
C LYS B 97 13.02 -8.04 -27.15
N VAL B 98 12.66 -8.80 -26.11
CA VAL B 98 13.18 -10.15 -25.91
C VAL B 98 12.00 -11.09 -25.68
N CYS B 99 12.04 -12.25 -26.33
CA CYS B 99 10.98 -13.23 -26.24
C CYS B 99 11.49 -14.47 -25.51
N PHE B 100 10.67 -14.97 -24.60
CA PHE B 100 10.94 -16.22 -23.89
C PHE B 100 9.77 -17.17 -24.09
N THR B 101 10.06 -18.47 -24.03
CA THR B 101 9.04 -19.51 -24.14
C THR B 101 9.03 -20.29 -22.83
N TYR B 102 8.30 -19.81 -21.84
CA TYR B 102 8.33 -20.42 -20.51
C TYR B 102 7.46 -21.66 -20.48
N ASP B 103 8.02 -22.77 -20.04
CA ASP B 103 7.26 -24.02 -19.94
C ASP B 103 6.42 -23.92 -18.68
N LEU B 104 5.17 -23.52 -18.80
CA LEU B 104 4.30 -23.44 -17.62
C LEU B 104 3.69 -24.81 -17.40
N PHE B 105 4.05 -25.43 -16.27
CA PHE B 105 3.56 -26.75 -15.90
C PHE B 105 3.01 -26.71 -14.49
N LEU B 106 1.99 -27.52 -14.25
CA LEU B 106 1.29 -27.60 -12.98
C LEU B 106 1.67 -28.90 -12.29
N ASN B 107 1.42 -28.94 -10.99
CA ASN B 107 1.84 -30.05 -10.15
C ASN B 107 0.68 -31.06 -10.10
N LEU B 108 0.90 -32.25 -10.65
CA LEU B 108 -0.06 -33.32 -10.63
C LEU B 108 0.52 -34.44 -9.76
N GLU B 109 0.06 -35.68 -9.96
CA GLU B 109 0.60 -36.85 -9.26
C GLU B 109 0.53 -36.70 -7.75
N GLY B 110 -0.30 -35.79 -7.26
CA GLY B 110 -0.38 -35.52 -5.84
C GLY B 110 0.96 -35.17 -5.22
N ASN B 111 1.87 -34.58 -5.99
CA ASN B 111 3.16 -34.16 -5.45
C ASN B 111 2.96 -32.81 -4.76
N PRO B 112 3.98 -32.28 -4.10
CA PRO B 112 3.84 -30.93 -3.54
C PRO B 112 3.77 -29.90 -4.65
N PRO B 113 3.21 -28.72 -4.39
CA PRO B 113 3.04 -27.73 -5.46
C PRO B 113 4.33 -27.41 -6.20
N VAL B 114 4.19 -27.13 -7.49
CA VAL B 114 5.34 -26.89 -8.35
C VAL B 114 5.78 -25.44 -8.27
N ASN B 115 7.09 -25.22 -8.15
CA ASN B 115 7.69 -23.89 -8.16
C ASN B 115 8.93 -23.91 -9.05
N HIS B 116 8.97 -23.05 -10.06
CA HIS B 116 10.07 -23.04 -11.02
C HIS B 116 10.66 -21.64 -11.18
N LEU B 117 11.99 -21.58 -11.26
CA LEU B 117 12.75 -20.36 -11.46
C LEU B 117 13.79 -20.62 -12.54
N ARG B 118 13.81 -19.81 -13.59
CA ARG B 118 14.78 -19.97 -14.67
C ARG B 118 15.53 -18.65 -14.81
N CYS B 119 16.86 -18.71 -14.85
CA CYS B 119 17.70 -17.54 -14.96
C CYS B 119 18.34 -17.49 -16.34
N GLU B 120 18.35 -16.30 -16.94
CA GLU B 120 18.85 -16.08 -18.29
C GLU B 120 19.70 -14.82 -18.32
N LYS B 121 20.51 -14.72 -19.36
CA LYS B 121 21.45 -13.61 -19.54
C LYS B 121 21.19 -12.95 -20.89
N LEU B 122 21.20 -11.61 -20.90
CA LEU B 122 20.83 -10.83 -22.07
C LEU B 122 21.92 -9.80 -22.37
N THR B 123 22.04 -9.44 -23.65
CA THR B 123 23.11 -8.59 -24.13
C THR B 123 22.55 -7.35 -24.83
N PHE B 124 23.15 -6.20 -24.52
CA PHE B 124 22.87 -4.94 -25.20
C PHE B 124 24.19 -4.37 -25.69
N ASN B 125 24.13 -3.66 -26.82
CA ASN B 125 25.32 -3.10 -27.45
C ASN B 125 25.13 -1.61 -27.70
N ASN B 126 26.25 -0.90 -27.73
CA ASN B 126 26.26 0.54 -27.97
C ASN B 126 25.41 1.28 -26.95
N PRO B 127 25.66 1.11 -25.66
CA PRO B 127 24.93 1.89 -24.65
C PRO B 127 25.43 3.31 -24.57
N THR B 128 24.50 4.25 -24.44
CA THR B 128 24.82 5.66 -24.31
C THR B 128 25.02 6.03 -22.84
N THR B 129 25.42 7.28 -22.59
CA THR B 129 25.65 7.71 -21.22
C THR B 129 24.37 7.61 -20.39
N GLU B 130 23.24 8.06 -20.94
CA GLU B 130 21.98 7.91 -20.23
C GLU B 130 21.53 6.46 -20.19
N PHE B 131 21.84 5.68 -21.22
CA PHE B 131 21.56 4.25 -21.18
C PHE B 131 22.32 3.59 -20.04
N ARG B 132 23.62 3.88 -19.94
CA ARG B 132 24.41 3.34 -18.84
C ARG B 132 23.90 3.86 -17.51
N TYR B 133 23.41 5.09 -17.48
CA TYR B 133 22.89 5.65 -16.24
C TYR B 133 21.66 4.87 -15.77
N LYS B 134 20.73 4.59 -16.67
CA LYS B 134 19.56 3.81 -16.29
C LYS B 134 19.94 2.38 -15.92
N LEU B 135 20.89 1.77 -16.64
CA LEU B 135 21.30 0.41 -16.29
C LEU B 135 21.93 0.36 -14.90
N LEU B 136 22.77 1.34 -14.58
CA LEU B 136 23.35 1.41 -13.23
C LEU B 136 22.28 1.74 -12.19
N ARG B 137 21.28 2.56 -12.53
CA ARG B 137 20.14 2.71 -11.64
C ARG B 137 19.54 1.34 -11.31
N ALA B 138 19.49 0.47 -12.31
CA ALA B 138 19.01 -0.90 -12.12
C ALA B 138 20.12 -1.87 -11.71
N GLY B 139 21.38 -1.44 -11.72
CA GLY B 139 22.48 -2.30 -11.35
C GLY B 139 23.09 -3.11 -12.47
N GLY B 140 22.75 -2.81 -13.73
CA GLY B 140 23.34 -3.54 -14.83
C GLY B 140 24.85 -3.36 -14.87
N VAL B 141 25.53 -4.40 -15.38
CA VAL B 141 27.00 -4.44 -15.39
C VAL B 141 27.48 -4.25 -16.82
N MET B 142 28.41 -3.33 -17.02
CA MET B 142 29.02 -3.10 -18.33
C MET B 142 30.22 -4.02 -18.50
N VAL B 143 30.23 -4.79 -19.59
CA VAL B 143 31.31 -5.74 -19.86
C VAL B 143 32.05 -5.34 -21.13
ZN ZN C . -10.70 1.68 -17.47
N1 A1IQT D . -7.64 -12.15 -4.83
N3 A1IQT D . -8.45 -14.62 -10.11
C4 A1IQT D . -8.94 -13.26 -3.19
C5 A1IQT D . -8.56 -13.31 -4.67
C6 A1IQT D . -6.67 -13.65 -8.01
C7 A1IQT D . -6.83 -12.91 -9.32
C8 A1IQT D . -7.19 -13.86 -10.45
C10 A1IQT D . -8.84 -14.90 -12.60
C13 A1IQT D . -12.74 -16.15 -15.31
C15 A1IQT D . -12.60 -17.93 -16.93
C17 A1IQT D . -10.60 -19.39 -17.06
C20 A1IQT D . -8.21 -22.91 -18.59
C21 A1IQT D . -7.08 -23.90 -18.58
C22 A1IQT D . -5.53 -25.25 -19.92
C24 A1IQT D . -4.08 -25.98 -21.33
C26 A1IQT D . -9.26 -22.87 -19.56
C28 A1IQT D . -10.24 -20.98 -18.49
C1 A1IQT D . -10.69 -10.50 -1.79
C11 A1IQT D . -10.86 -15.65 -13.75
C12 A1IQT D . -11.46 -16.46 -14.85
C14 A1IQT D . -13.30 -16.88 -16.35
C16 A1IQT D . -11.32 -18.25 -16.48
C18 A1IQT D . -9.45 -20.01 -16.65
C19 A1IQT D . -8.21 -21.97 -17.60
C2 A1IQT D . -10.20 -11.02 -3.12
C23 A1IQT D . -5.60 -26.19 -21.13
C25 A1IQT D . -4.20 -24.71 -20.47
C27 A1IQT D . -10.24 -21.95 -19.52
C29 A1IQT D . -10.76 -17.52 -15.44
C3 A1IQT D . -8.89 -11.76 -2.83
C30 A1IQT D . -8.28 -15.38 -8.83
C31 A1IQT D . -7.93 -14.43 -7.69
C32 A1IQT D . -7.67 -11.28 -3.64
C33 A1IQT D . -8.70 -11.55 -1.33
C9 A1IQT D . -8.94 -15.51 -11.22
N2 A1IQT D . -6.29 -12.73 -6.92
N4 A1IQT D . -9.54 -15.67 -13.63
N5 A1IQT D . -9.22 -21.03 -17.55
N6 A1IQT D . -6.62 -24.29 -19.78
N7 A1IQT D . -11.09 -20.00 -18.22
N8 A1IQT D . -9.80 -10.91 -0.83
O1 A1IQT D . -11.70 -9.84 -1.59
O2 A1IQT D . -6.46 -10.41 -6.12
O3 A1IQT D . -8.44 -11.51 -7.08
O4 A1IQT D . -11.57 -14.99 -13.00
O5 A1IQT D . -6.62 -24.31 -17.52
O6 A1IQT D . -7.72 -11.92 -0.69
S1 A1IQT D . -7.25 -11.59 -6.29
H3 A1IQT D . -9.81 -13.66 -3.03
H4 A1IQT D . -8.27 -13.74 -2.68
H5 A1IQT D . -9.36 -13.25 -5.24
H6 A1IQT D . -8.09 -14.13 -4.87
H8 A1IQT D . -5.93 -14.27 -8.13
H10 A1IQT D . -7.54 -12.22 -9.26
H9 A1IQT D . -6.01 -12.43 -9.56
H11 A1IQT D . -6.48 -14.53 -10.56
H12 A1IQT D . -7.31 -13.40 -11.29
H16 A1IQT D . -9.19 -13.99 -12.62
H15 A1IQT D . -7.89 -14.86 -12.87
H18 A1IQT D . -13.23 -15.42 -14.91
H20 A1IQT D . -13.01 -18.44 -17.66
H24 A1IQT D . -5.39 -25.73 -19.08
H27 A1IQT D . -3.83 -25.81 -22.26
H28 A1IQT D . -3.51 -26.68 -20.98
H19 A1IQT D . -14.19 -16.66 -16.67
H21 A1IQT D . -8.85 -19.85 -15.89
H2 A1IQT D . -10.05 -10.24 -3.70
H1 A1IQT D . -10.88 -11.60 -3.52
H25 A1IQT D . -6.16 -25.88 -21.88
H26 A1IQT D . -5.84 -27.12 -20.93
H29 A1IQT D . -3.48 -24.58 -19.81
H30 A1IQT D . -4.28 -23.89 -21.00
H33 A1IQT D . -9.87 -17.75 -15.12
H35 A1IQT D . -7.57 -16.03 -8.99
H34 A1IQT D . -9.10 -15.86 -8.62
H37 A1IQT D . -8.67 -13.80 -7.56
H36 A1IQT D . -7.85 -14.94 -6.85
H38 A1IQT D . -7.78 -10.35 -3.92
H39 A1IQT D . -6.83 -11.37 -3.15
H13 A1IQT D . -8.47 -16.36 -11.12
H14 A1IQT D . -9.89 -15.67 -11.02
H7 A1IQT D . -5.81 -13.04 -6.25
H17 A1IQT D . -9.07 -16.17 -14.19
H23 A1IQT D . -6.99 -23.96 -20.51
H40 A1IQT D . -9.91 -10.75 0.03
HN18 A1IQT D . -9.10 -14.04 -9.98
#